data_1LME
#
_entry.id   1LME
#
_cell.length_a   65.048
_cell.length_b   65.048
_cell.length_c   151.371
_cell.angle_alpha   90.00
_cell.angle_beta   90.00
_cell.angle_gamma   120.00
#
_symmetry.space_group_name_H-M   'P 32 2 1'
#
loop_
_entity.id
_entity.type
_entity.pdbx_description
1 polymer 'peptide deformylase'
2 water water
#
_entity_poly.entity_id   1
_entity_poly.type   'polypeptide(L)'
_entity_poly.pdbx_seq_one_letter_code
;MGSDKIHHHHHHMYRIRVFGDPVLRKRAKPVTKFDENLKKTIERMIETMYHYDGVGLAAPQVGISQRFFVMDVGNGPVAV
INPEILEIDPETEVAEEG(OCS)LSFPEIFVEIERSKRIKVKYQNTRGEYVEEELEGYAARVFQHEFDHLNGVLIIDRIS
PAKRLLLRKKLMDIARTVKR
;
_entity_poly.pdbx_strand_id   A,B
#
# COMPACT_ATOMS: atom_id res chain seq x y z
N ASP A 4 -12.53 2.89 42.36
CA ASP A 4 -13.27 4.12 41.96
C ASP A 4 -14.79 3.85 41.79
N LYS A 5 -15.62 4.81 42.18
CA LYS A 5 -17.08 4.62 42.17
C LYS A 5 -17.90 5.06 40.97
N ILE A 6 -17.30 5.73 40.01
CA ILE A 6 -18.05 6.11 38.83
C ILE A 6 -17.14 5.78 37.65
N HIS A 7 -17.73 5.34 36.54
CA HIS A 7 -16.93 4.97 35.38
C HIS A 7 -17.62 5.39 34.10
N HIS A 8 -16.82 5.67 33.06
CA HIS A 8 -17.37 6.02 31.77
C HIS A 8 -16.97 4.91 30.82
N HIS A 9 -17.94 4.14 30.34
CA HIS A 9 -17.64 3.06 29.42
C HIS A 9 -17.54 3.60 28.01
N HIS A 10 -16.44 3.29 27.34
CA HIS A 10 -16.28 3.74 25.97
C HIS A 10 -16.61 2.61 25.04
N HIS A 11 -17.13 2.96 23.87
CA HIS A 11 -17.42 1.98 22.88
C HIS A 11 -16.94 2.51 21.54
N HIS A 12 -16.86 1.61 20.58
CA HIS A 12 -16.44 1.92 19.23
C HIS A 12 -14.94 2.10 19.13
N MET A 13 -14.38 2.97 19.95
CA MET A 13 -12.94 3.14 19.92
C MET A 13 -12.33 1.92 20.63
N TYR A 14 -11.01 1.78 20.53
CA TYR A 14 -10.31 0.66 21.15
C TYR A 14 -9.84 0.97 22.57
N ARG A 15 -9.53 -0.10 23.30
CA ARG A 15 -8.97 0.04 24.64
C ARG A 15 -7.46 0.02 24.39
N ILE A 16 -6.72 0.90 25.03
CA ILE A 16 -5.28 0.87 24.83
C ILE A 16 -4.60 -0.10 25.78
N ARG A 17 -3.75 -0.96 25.23
CA ARG A 17 -3.06 -1.97 26.03
C ARG A 17 -1.94 -1.30 26.81
N VAL A 18 -1.74 -1.72 28.06
CA VAL A 18 -0.70 -1.11 28.88
C VAL A 18 0.53 -1.99 29.06
N PHE A 19 1.68 -1.37 29.28
CA PHE A 19 2.92 -2.11 29.47
C PHE A 19 2.62 -3.23 30.44
N GLY A 20 3.01 -4.43 30.08
CA GLY A 20 2.72 -5.59 30.92
C GLY A 20 1.91 -6.55 30.06
N ASP A 21 1.02 -6.02 29.20
CA ASP A 21 0.25 -6.87 28.28
C ASP A 21 1.32 -7.34 27.29
N PRO A 22 1.52 -8.66 27.17
CA PRO A 22 2.53 -9.18 26.24
C PRO A 22 2.30 -8.93 24.76
N VAL A 23 1.10 -8.49 24.40
CA VAL A 23 0.88 -8.22 22.99
C VAL A 23 1.83 -7.07 22.57
N LEU A 24 2.26 -6.23 23.51
CA LEU A 24 3.17 -5.13 23.17
C LEU A 24 4.58 -5.58 22.86
N ARG A 25 4.89 -6.84 23.17
CA ARG A 25 6.22 -7.37 22.92
C ARG A 25 6.29 -8.32 21.73
N LYS A 26 5.12 -8.76 21.27
CA LYS A 26 5.00 -9.68 20.15
C LYS A 26 5.21 -8.97 18.82
N ARG A 27 6.18 -9.44 18.03
CA ARG A 27 6.45 -8.82 16.74
C ARG A 27 5.23 -8.92 15.83
N ALA A 28 4.67 -7.77 15.45
CA ALA A 28 3.48 -7.77 14.60
C ALA A 28 3.68 -8.41 13.21
N LYS A 29 2.64 -9.03 12.66
CA LYS A 29 2.69 -9.64 11.34
C LYS A 29 2.13 -8.68 10.29
N PRO A 30 2.61 -8.78 9.05
CA PRO A 30 2.07 -7.86 8.03
C PRO A 30 0.60 -8.03 7.67
N VAL A 31 0.01 -6.93 7.26
CA VAL A 31 -1.38 -6.90 6.82
C VAL A 31 -1.40 -7.49 5.40
N THR A 32 -2.40 -8.31 5.09
CA THR A 32 -2.46 -8.92 3.76
C THR A 32 -3.77 -8.60 3.08
N LYS A 33 -4.80 -8.35 3.88
CA LYS A 33 -6.12 -8.04 3.36
C LYS A 33 -6.43 -6.56 3.38
N PHE A 34 -6.60 -5.99 2.20
CA PHE A 34 -6.92 -4.58 2.08
C PHE A 34 -8.40 -4.47 1.72
N ASP A 35 -9.22 -4.58 2.75
CA ASP A 35 -10.66 -4.56 2.62
C ASP A 35 -11.30 -3.49 3.50
N GLU A 36 -12.62 -3.52 3.55
CA GLU A 36 -13.41 -2.57 4.32
C GLU A 36 -13.06 -2.65 5.81
N ASN A 37 -12.81 -3.86 6.30
CA ASN A 37 -12.45 -4.05 7.71
C ASN A 37 -11.17 -3.29 8.06
N LEU A 38 -10.15 -3.38 7.20
CA LEU A 38 -8.91 -2.65 7.48
C LEU A 38 -9.21 -1.14 7.56
N LYS A 39 -10.05 -0.65 6.66
CA LYS A 39 -10.40 0.76 6.68
C LYS A 39 -11.11 1.19 7.97
N LYS A 40 -12.07 0.38 8.38
CA LYS A 40 -12.83 0.65 9.58
C LYS A 40 -11.88 0.62 10.75
N THR A 41 -10.94 -0.33 10.74
CA THR A 41 -9.98 -0.41 11.84
C THR A 41 -9.13 0.85 11.90
N ILE A 42 -8.73 1.34 10.74
CA ILE A 42 -7.91 2.53 10.71
C ILE A 42 -8.70 3.69 11.29
N GLU A 43 -9.98 3.76 10.95
CA GLU A 43 -10.82 4.84 11.47
C GLU A 43 -10.88 4.77 12.98
N ARG A 44 -11.04 3.56 13.51
CA ARG A 44 -11.12 3.39 14.95
C ARG A 44 -9.78 3.73 15.59
N MET A 45 -8.69 3.41 14.89
CA MET A 45 -7.36 3.74 15.39
C MET A 45 -7.23 5.27 15.56
N ILE A 46 -7.69 6.02 14.57
CA ILE A 46 -7.61 7.49 14.60
C ILE A 46 -8.53 8.03 15.69
N GLU A 47 -9.73 7.46 15.80
CA GLU A 47 -10.69 7.87 16.83
C GLU A 47 -10.04 7.70 18.21
N THR A 48 -9.45 6.53 18.41
CA THR A 48 -8.80 6.19 19.66
C THR A 48 -7.61 7.11 19.93
N MET A 49 -6.73 7.27 18.95
CA MET A 49 -5.57 8.13 19.12
C MET A 49 -5.96 9.54 19.58
N TYR A 50 -6.88 10.16 18.85
CA TYR A 50 -7.32 11.51 19.21
C TYR A 50 -7.99 11.53 20.58
N HIS A 51 -8.81 10.52 20.86
CA HIS A 51 -9.47 10.49 22.15
C HIS A 51 -8.51 10.48 23.33
N TYR A 52 -7.34 9.84 23.17
CA TYR A 52 -6.36 9.78 24.27
C TYR A 52 -5.32 10.87 24.13
N ASP A 53 -5.56 11.80 23.20
CA ASP A 53 -4.67 12.92 22.96
C ASP A 53 -3.29 12.47 22.48
N GLY A 54 -3.22 11.31 21.84
CA GLY A 54 -1.93 10.84 21.37
C GLY A 54 -1.53 11.38 20.01
N VAL A 55 -0.26 11.23 19.65
CA VAL A 55 0.20 11.67 18.33
C VAL A 55 0.54 10.44 17.49
N GLY A 56 0.42 9.27 18.11
CA GLY A 56 0.69 8.01 17.45
C GLY A 56 0.04 6.86 18.20
N LEU A 57 -0.35 5.81 17.46
CA LEU A 57 -0.98 4.63 18.04
C LEU A 57 -0.77 3.49 17.06
N ALA A 58 -0.14 2.41 17.54
CA ALA A 58 0.13 1.27 16.69
C ALA A 58 -0.81 0.12 17.02
N ALA A 59 -1.03 -0.75 16.04
CA ALA A 59 -1.94 -1.85 16.22
C ALA A 59 -1.74 -2.66 17.50
N PRO A 60 -0.50 -3.01 17.84
CA PRO A 60 -0.34 -3.79 19.07
C PRO A 60 -0.90 -3.08 20.29
N GLN A 61 -0.83 -1.75 20.30
CA GLN A 61 -1.38 -1.00 21.41
C GLN A 61 -2.89 -1.18 21.60
N VAL A 62 -3.57 -1.72 20.58
CA VAL A 62 -5.00 -1.97 20.71
C VAL A 62 -5.23 -3.49 20.64
N GLY A 63 -4.16 -4.26 20.85
CA GLY A 63 -4.28 -5.71 20.84
C GLY A 63 -4.26 -6.40 19.49
N ILE A 64 -3.84 -5.69 18.45
CA ILE A 64 -3.78 -6.31 17.12
C ILE A 64 -2.31 -6.39 16.69
N SER A 65 -1.73 -7.59 16.68
CA SER A 65 -0.33 -7.69 16.26
C SER A 65 -0.17 -7.80 14.75
N GLN A 66 -0.47 -6.68 14.10
CA GLN A 66 -0.33 -6.53 12.66
C GLN A 66 0.50 -5.27 12.48
N ARG A 67 1.20 -5.20 11.36
CA ARG A 67 2.08 -4.09 11.08
C ARG A 67 1.45 -2.81 10.52
N PHE A 68 0.80 -2.07 11.39
CA PHE A 68 0.24 -0.80 11.00
C PHE A 68 0.07 0.06 12.23
N PHE A 69 0.04 1.37 11.99
CA PHE A 69 -0.15 2.37 13.01
C PHE A 69 -0.64 3.64 12.32
N VAL A 70 -1.15 4.55 13.12
CA VAL A 70 -1.59 5.82 12.59
C VAL A 70 -0.81 6.85 13.38
N MET A 71 -0.74 8.06 12.88
CA MET A 71 -0.04 9.12 13.56
C MET A 71 -0.50 10.44 13.02
N ASP A 72 -0.32 11.47 13.83
CA ASP A 72 -0.65 12.83 13.43
C ASP A 72 0.40 13.72 14.06
N VAL A 73 1.30 14.24 13.23
CA VAL A 73 2.34 15.14 13.74
C VAL A 73 1.99 16.60 13.42
N GLY A 74 0.70 16.92 13.40
CA GLY A 74 0.30 18.29 13.11
C GLY A 74 -0.32 18.57 11.74
N ASN A 75 -0.24 17.63 10.80
CA ASN A 75 -0.80 17.85 9.48
C ASN A 75 -2.06 17.04 9.24
N GLY A 76 -2.52 16.33 10.26
CA GLY A 76 -3.68 15.47 10.08
C GLY A 76 -3.21 14.04 10.18
N PRO A 77 -4.13 13.11 10.43
CA PRO A 77 -3.86 11.68 10.58
C PRO A 77 -3.34 10.96 9.34
N VAL A 78 -2.27 10.23 9.53
CA VAL A 78 -1.63 9.45 8.47
C VAL A 78 -1.71 7.97 8.87
N ALA A 79 -2.19 7.13 7.96
CA ALA A 79 -2.33 5.71 8.19
C ALA A 79 -1.10 5.01 7.57
N VAL A 80 -0.41 4.19 8.35
CA VAL A 80 0.81 3.55 7.85
C VAL A 80 0.69 2.04 7.97
N ILE A 81 0.59 1.38 6.82
CA ILE A 81 0.46 -0.08 6.79
C ILE A 81 1.70 -0.72 6.23
N ASN A 82 2.14 -1.78 6.90
CA ASN A 82 3.35 -2.50 6.50
C ASN A 82 4.50 -1.53 6.23
N PRO A 83 4.81 -0.63 7.18
CA PRO A 83 5.93 0.28 6.92
C PRO A 83 7.27 -0.43 6.84
N GLU A 84 8.25 0.26 6.25
CA GLU A 84 9.61 -0.22 6.17
C GLU A 84 10.42 1.05 6.27
N ILE A 85 11.50 1.03 7.04
CA ILE A 85 12.35 2.20 7.13
C ILE A 85 13.50 1.84 6.21
N LEU A 86 13.53 2.48 5.05
CA LEU A 86 14.55 2.20 4.03
C LEU A 86 15.91 2.80 4.31
N GLU A 87 15.93 3.98 4.94
CA GLU A 87 17.20 4.62 5.24
C GLU A 87 17.09 5.43 6.50
N ILE A 88 18.20 5.55 7.20
CA ILE A 88 18.25 6.28 8.45
C ILE A 88 19.48 7.16 8.43
N ASP A 89 19.28 8.45 8.64
CA ASP A 89 20.41 9.38 8.68
C ASP A 89 21.24 9.00 9.89
N PRO A 90 22.57 9.11 9.81
CA PRO A 90 23.41 8.78 10.95
C PRO A 90 23.31 9.88 12.01
N GLU A 91 22.88 11.07 11.59
CA GLU A 91 22.74 12.17 12.53
C GLU A 91 21.51 11.92 13.38
N THR A 92 21.66 12.12 14.69
CA THR A 92 20.59 11.89 15.63
C THR A 92 20.31 13.06 16.57
N GLU A 93 19.28 12.89 17.38
CA GLU A 93 18.88 13.92 18.32
C GLU A 93 18.13 13.25 19.46
N VAL A 94 18.33 13.75 20.67
CA VAL A 94 17.68 13.20 21.84
C VAL A 94 16.57 14.10 22.28
N ALA A 95 15.43 13.51 22.61
CA ALA A 95 14.28 14.25 23.08
C ALA A 95 13.44 13.36 23.99
N GLU A 96 12.53 13.98 24.72
CA GLU A 96 11.67 13.27 25.66
C GLU A 96 10.47 12.71 24.93
N GLU A 97 10.19 11.44 25.22
CA GLU A 97 9.07 10.71 24.61
C GLU A 97 8.20 9.98 25.64
N GLY A 98 6.90 10.03 25.45
CA GLY A 98 5.97 9.33 26.32
C GLY A 98 5.33 8.20 25.51
N LEU A 100 1.18 6.20 25.23
CA LEU A 100 -0.12 5.92 25.84
C LEU A 100 -0.14 4.63 26.65
N SER A 101 0.74 3.69 26.33
CA SER A 101 0.81 2.39 27.01
C SER A 101 1.61 2.45 28.32
N PHE A 102 2.25 3.59 28.57
CA PHE A 102 3.03 3.78 29.78
C PHE A 102 2.50 5.03 30.48
N PRO A 103 1.29 4.96 31.03
CA PRO A 103 0.83 6.19 31.68
C PRO A 103 1.80 6.80 32.70
N GLU A 104 2.04 8.09 32.51
CA GLU A 104 2.92 8.91 33.33
C GLU A 104 4.41 8.57 33.35
N ILE A 105 4.89 7.94 32.28
CA ILE A 105 6.33 7.64 32.18
C ILE A 105 6.87 8.30 30.93
N PHE A 106 7.94 9.08 31.11
CA PHE A 106 8.57 9.78 30.01
C PHE A 106 10.04 9.53 30.12
N VAL A 107 10.69 9.29 29.00
CA VAL A 107 12.12 9.07 29.01
C VAL A 107 12.72 9.77 27.81
N GLU A 108 14.03 9.98 27.84
CA GLU A 108 14.74 10.62 26.75
C GLU A 108 15.27 9.56 25.80
N ILE A 109 15.03 9.76 24.52
CA ILE A 109 15.44 8.79 23.52
C ILE A 109 16.12 9.44 22.32
N GLU A 110 17.17 8.81 21.85
CA GLU A 110 17.91 9.29 20.70
C GLU A 110 17.25 8.69 19.46
N ARG A 111 16.95 9.51 18.48
CA ARG A 111 16.33 9.04 17.23
C ARG A 111 17.03 9.69 16.04
N SER A 112 17.05 9.02 14.90
CA SER A 112 17.65 9.59 13.71
C SER A 112 16.84 10.84 13.36
N LYS A 113 17.52 11.84 12.80
CA LYS A 113 16.88 13.11 12.44
C LYS A 113 16.08 12.98 11.15
N ARG A 114 16.49 12.06 10.29
CA ARG A 114 15.82 11.90 9.00
C ARG A 114 15.80 10.46 8.57
N ILE A 115 14.68 10.06 7.95
CA ILE A 115 14.54 8.70 7.49
C ILE A 115 13.77 8.63 6.17
N LYS A 116 13.98 7.55 5.44
CA LYS A 116 13.26 7.34 4.20
C LYS A 116 12.37 6.17 4.55
N VAL A 117 11.07 6.32 4.33
CA VAL A 117 10.13 5.26 4.65
C VAL A 117 9.34 4.83 3.44
N LYS A 118 8.70 3.69 3.56
CA LYS A 118 7.89 3.12 2.52
C LYS A 118 6.74 2.44 3.23
N TYR A 119 5.52 2.64 2.77
CA TYR A 119 4.40 1.98 3.40
C TYR A 119 3.25 1.92 2.43
N GLN A 120 2.18 1.27 2.84
CA GLN A 120 1.02 1.16 1.98
C GLN A 120 -0.12 1.90 2.64
N ASN A 121 -1.11 2.26 1.84
CA ASN A 121 -2.28 2.92 2.35
C ASN A 121 -3.33 1.82 2.50
N THR A 122 -4.54 2.20 2.91
CA THR A 122 -5.59 1.20 3.13
C THR A 122 -6.04 0.49 1.87
N ARG A 123 -5.60 0.96 0.70
CA ARG A 123 -5.98 0.31 -0.55
C ARG A 123 -4.87 -0.60 -1.04
N GLY A 124 -3.80 -0.69 -0.27
CA GLY A 124 -2.69 -1.55 -0.66
C GLY A 124 -1.65 -0.86 -1.52
N GLU A 125 -1.88 0.41 -1.84
CA GLU A 125 -0.94 1.16 -2.67
C GLU A 125 0.23 1.65 -1.86
N TYR A 126 1.40 1.60 -2.47
CA TYR A 126 2.62 2.01 -1.81
C TYR A 126 2.84 3.50 -1.87
N VAL A 127 3.49 3.99 -0.84
CA VAL A 127 3.81 5.37 -0.69
C VAL A 127 5.23 5.32 -0.19
N GLU A 128 6.04 6.27 -0.61
CA GLU A 128 7.41 6.33 -0.19
C GLU A 128 7.68 7.78 0.11
N GLU A 129 8.37 8.05 1.21
CA GLU A 129 8.67 9.43 1.54
C GLU A 129 9.74 9.59 2.57
N GLU A 130 10.30 10.81 2.58
CA GLU A 130 11.37 11.20 3.47
C GLU A 130 10.73 11.96 4.62
N LEU A 131 11.15 11.65 5.84
CA LEU A 131 10.60 12.34 6.99
C LEU A 131 11.74 12.84 7.85
N GLU A 132 11.52 13.93 8.57
CA GLU A 132 12.55 14.44 9.46
C GLU A 132 11.97 15.04 10.74
N GLY A 133 12.86 15.41 11.66
CA GLY A 133 12.42 16.01 12.91
C GLY A 133 11.37 15.20 13.63
N TYR A 134 10.38 15.91 14.17
CA TYR A 134 9.30 15.28 14.92
C TYR A 134 8.64 14.15 14.14
N ALA A 135 8.29 14.42 12.89
CA ALA A 135 7.64 13.42 12.07
C ALA A 135 8.46 12.13 12.07
N ALA A 136 9.76 12.27 11.85
CA ALA A 136 10.64 11.11 11.80
C ALA A 136 10.68 10.39 13.15
N ARG A 137 10.63 11.15 14.23
CA ARG A 137 10.65 10.57 15.55
C ARG A 137 9.39 9.77 15.83
N VAL A 138 8.24 10.35 15.55
CA VAL A 138 7.00 9.65 15.82
C VAL A 138 6.92 8.39 14.98
N PHE A 139 7.35 8.48 13.74
CA PHE A 139 7.30 7.32 12.87
C PHE A 139 8.14 6.18 13.47
N GLN A 140 9.35 6.48 13.89
CA GLN A 140 10.23 5.46 14.47
C GLN A 140 9.63 4.88 15.73
N HIS A 141 9.06 5.74 16.56
CA HIS A 141 8.47 5.29 17.81
C HIS A 141 7.35 4.28 17.54
N GLU A 142 6.48 4.61 16.59
CA GLU A 142 5.35 3.73 16.23
C GLU A 142 5.86 2.51 15.51
N PHE A 143 6.86 2.68 14.65
CA PHE A 143 7.45 1.57 13.93
C PHE A 143 7.99 0.58 14.96
N ASP A 144 8.69 1.10 15.98
CA ASP A 144 9.24 0.24 17.02
C ASP A 144 8.19 -0.70 17.59
N HIS A 145 6.97 -0.18 17.82
CA HIS A 145 5.91 -1.00 18.37
C HIS A 145 5.67 -2.28 17.57
N LEU A 146 5.78 -2.18 16.24
CA LEU A 146 5.54 -3.31 15.36
C LEU A 146 6.60 -4.40 15.55
N ASN A 147 7.75 -4.05 16.11
CA ASN A 147 8.77 -5.06 16.35
C ASN A 147 8.86 -5.39 17.83
N GLY A 148 7.85 -4.97 18.58
CA GLY A 148 7.84 -5.27 20.01
C GLY A 148 8.85 -4.46 20.81
N VAL A 149 9.29 -3.33 20.25
CA VAL A 149 10.25 -2.43 20.91
C VAL A 149 9.44 -1.26 21.50
N LEU A 150 9.75 -0.92 22.75
CA LEU A 150 9.07 0.13 23.46
C LEU A 150 10.07 1.19 23.93
N ILE A 151 9.58 2.35 24.35
CA ILE A 151 10.49 3.40 24.76
C ILE A 151 11.49 3.02 25.83
N ILE A 152 11.08 2.19 26.79
CA ILE A 152 11.99 1.78 27.86
C ILE A 152 13.17 0.96 27.37
N ASP A 153 13.09 0.44 26.16
CA ASP A 153 14.20 -0.33 25.64
C ASP A 153 15.22 0.66 25.05
N ARG A 154 14.86 1.94 24.99
CA ARG A 154 15.73 2.94 24.38
C ARG A 154 16.14 4.13 25.23
N ILE A 155 16.07 4.02 26.55
CA ILE A 155 16.45 5.16 27.37
C ILE A 155 17.87 5.62 27.03
N SER A 156 18.03 6.92 26.84
CA SER A 156 19.31 7.49 26.50
C SER A 156 20.17 7.69 27.74
N PRO A 157 21.45 7.24 27.68
CA PRO A 157 22.39 7.36 28.79
C PRO A 157 22.93 8.79 28.87
N HIS B 11 -11.32 -2.97 -36.81
CA HIS B 11 -10.35 -3.21 -35.70
C HIS B 11 -8.99 -2.63 -36.01
N HIS B 12 -8.91 -1.31 -36.11
CA HIS B 12 -7.64 -0.69 -36.36
C HIS B 12 -6.85 -0.86 -35.06
N MET B 13 -5.53 -0.96 -35.15
CA MET B 13 -4.78 -1.07 -33.93
C MET B 13 -4.70 0.29 -33.24
N TYR B 14 -4.60 0.28 -31.91
CA TYR B 14 -4.49 1.51 -31.15
C TYR B 14 -3.07 2.02 -31.19
N ARG B 15 -2.91 3.33 -31.04
CA ARG B 15 -1.56 3.86 -30.99
C ARG B 15 -1.21 3.79 -29.51
N ILE B 16 -0.05 3.23 -29.19
CA ILE B 16 0.34 3.15 -27.79
C ILE B 16 0.92 4.48 -27.34
N ARG B 17 0.36 5.05 -26.28
CA ARG B 17 0.83 6.31 -25.72
C ARG B 17 2.20 6.03 -25.06
N VAL B 18 3.09 7.01 -25.12
CA VAL B 18 4.43 6.86 -24.55
C VAL B 18 4.62 7.77 -23.35
N PHE B 19 5.59 7.42 -22.50
CA PHE B 19 5.90 8.22 -21.32
C PHE B 19 5.98 9.68 -21.74
N GLY B 20 5.37 10.55 -20.95
CA GLY B 20 5.35 11.96 -21.28
C GLY B 20 3.91 12.32 -21.57
N ASP B 21 3.11 11.32 -21.90
CA ASP B 21 1.69 11.56 -22.17
C ASP B 21 1.02 11.61 -20.80
N PRO B 22 0.46 12.78 -20.43
CA PRO B 22 -0.20 12.89 -19.12
C PRO B 22 -1.30 11.87 -18.84
N VAL B 23 -1.86 11.26 -19.89
CA VAL B 23 -2.91 10.28 -19.68
C VAL B 23 -2.39 9.07 -18.87
N LEU B 24 -1.11 8.79 -18.98
CA LEU B 24 -0.51 7.68 -18.24
C LEU B 24 -0.33 8.01 -16.75
N ARG B 25 -0.53 9.27 -16.39
CA ARG B 25 -0.37 9.67 -14.99
C ARG B 25 -1.69 9.92 -14.27
N LYS B 26 -2.80 9.96 -14.99
CA LYS B 26 -4.09 10.20 -14.34
C LYS B 26 -4.52 8.93 -13.62
N ARG B 27 -5.50 9.02 -12.74
CA ARG B 27 -5.97 7.82 -12.11
C ARG B 27 -7.21 7.45 -12.92
N ALA B 28 -7.15 6.30 -13.57
CA ALA B 28 -8.26 5.85 -14.41
C ALA B 28 -9.58 5.69 -13.65
N LYS B 29 -10.70 5.86 -14.35
CA LYS B 29 -12.02 5.75 -13.73
C LYS B 29 -12.69 4.42 -14.06
N PRO B 30 -13.46 3.87 -13.13
CA PRO B 30 -14.11 2.59 -13.40
C PRO B 30 -15.01 2.56 -14.62
N VAL B 31 -15.20 1.34 -15.11
CA VAL B 31 -16.04 1.08 -16.27
C VAL B 31 -17.46 0.88 -15.73
N THR B 32 -18.44 1.51 -16.37
CA THR B 32 -19.84 1.39 -15.96
C THR B 32 -20.70 0.78 -17.06
N LYS B 33 -20.31 0.96 -18.32
CA LYS B 33 -21.07 0.38 -19.43
C LYS B 33 -20.36 -0.88 -19.92
N PHE B 34 -21.03 -2.02 -19.78
CA PHE B 34 -20.48 -3.28 -20.26
C PHE B 34 -21.27 -3.57 -21.51
N ASP B 35 -20.92 -2.87 -22.57
CA ASP B 35 -21.62 -2.99 -23.83
C ASP B 35 -20.70 -3.53 -24.93
N GLU B 36 -21.25 -3.61 -26.14
CA GLU B 36 -20.48 -4.12 -27.27
C GLU B 36 -19.27 -3.25 -27.53
N ASN B 37 -19.35 -1.99 -27.13
CA ASN B 37 -18.25 -1.09 -27.36
C ASN B 37 -17.03 -1.51 -26.53
N LEU B 38 -17.29 -1.99 -25.32
CA LEU B 38 -16.23 -2.38 -24.43
C LEU B 38 -15.56 -3.60 -25.04
N LYS B 39 -16.38 -4.56 -25.46
CA LYS B 39 -15.87 -5.80 -26.06
C LYS B 39 -14.94 -5.54 -27.25
N LYS B 40 -15.38 -4.64 -28.13
CA LYS B 40 -14.61 -4.30 -29.32
C LYS B 40 -13.31 -3.62 -28.92
N THR B 41 -13.39 -2.79 -27.88
CA THR B 41 -12.23 -2.07 -27.37
C THR B 41 -11.23 -3.13 -26.86
N ILE B 42 -11.76 -4.12 -26.15
CA ILE B 42 -10.94 -5.18 -25.59
C ILE B 42 -10.27 -5.98 -26.74
N GLU B 43 -11.01 -6.26 -27.82
CA GLU B 43 -10.44 -6.99 -28.96
C GLU B 43 -9.29 -6.22 -29.59
N ARG B 44 -9.48 -4.92 -29.78
CA ARG B 44 -8.43 -4.09 -30.34
C ARG B 44 -7.22 -4.05 -29.43
N MET B 45 -7.45 -4.08 -28.13
CA MET B 45 -6.32 -4.02 -27.23
C MET B 45 -5.54 -5.32 -27.32
N ILE B 46 -6.27 -6.43 -27.42
CA ILE B 46 -5.60 -7.71 -27.50
C ILE B 46 -4.79 -7.73 -28.81
N GLU B 47 -5.43 -7.31 -29.90
CA GLU B 47 -4.79 -7.26 -31.21
C GLU B 47 -3.54 -6.38 -31.17
N THR B 48 -3.67 -5.26 -30.47
CA THR B 48 -2.58 -4.31 -30.33
C THR B 48 -1.50 -4.89 -29.44
N MET B 49 -1.90 -5.47 -28.32
CA MET B 49 -0.92 -6.05 -27.43
C MET B 49 -0.12 -7.12 -28.18
N TYR B 50 -0.81 -7.99 -28.92
CA TYR B 50 -0.11 -9.06 -29.62
C TYR B 50 0.77 -8.54 -30.74
N HIS B 51 0.24 -7.57 -31.46
CA HIS B 51 0.97 -6.99 -32.58
C HIS B 51 2.36 -6.52 -32.16
N TYR B 52 2.46 -5.98 -30.95
CA TYR B 52 3.74 -5.50 -30.44
C TYR B 52 4.42 -6.51 -29.54
N ASP B 53 4.05 -7.79 -29.68
CA ASP B 53 4.65 -8.83 -28.86
C ASP B 53 4.69 -8.50 -27.38
N GLY B 54 3.63 -7.91 -26.85
CA GLY B 54 3.59 -7.56 -25.44
C GLY B 54 2.88 -8.63 -24.62
N VAL B 55 2.84 -8.46 -23.30
CA VAL B 55 2.18 -9.43 -22.46
C VAL B 55 1.06 -8.73 -21.66
N GLY B 56 1.03 -7.41 -21.76
CA GLY B 56 0.05 -6.62 -21.07
C GLY B 56 -0.16 -5.29 -21.76
N LEU B 57 -1.38 -4.76 -21.67
CA LEU B 57 -1.71 -3.47 -22.27
C LEU B 57 -2.90 -2.93 -21.50
N ALA B 58 -2.73 -1.77 -20.88
CA ALA B 58 -3.81 -1.20 -20.09
C ALA B 58 -4.51 -0.05 -20.81
N ALA B 59 -5.78 0.17 -20.50
CA ALA B 59 -6.54 1.22 -21.16
C ALA B 59 -5.82 2.58 -21.30
N PRO B 60 -5.22 3.09 -20.21
CA PRO B 60 -4.55 4.38 -20.41
C PRO B 60 -3.47 4.37 -21.47
N GLN B 61 -2.91 3.20 -21.75
CA GLN B 61 -1.84 3.13 -22.75
C GLN B 61 -2.36 3.36 -24.15
N VAL B 62 -3.67 3.27 -24.32
CA VAL B 62 -4.24 3.53 -25.63
C VAL B 62 -5.17 4.71 -25.53
N GLY B 63 -4.82 5.61 -24.59
CA GLY B 63 -5.58 6.85 -24.39
C GLY B 63 -6.92 6.79 -23.67
N ILE B 64 -7.29 5.64 -23.15
CA ILE B 64 -8.59 5.48 -22.48
C ILE B 64 -8.37 5.50 -20.98
N SER B 65 -8.78 6.60 -20.34
CA SER B 65 -8.55 6.73 -18.91
C SER B 65 -9.57 6.01 -18.05
N GLN B 66 -9.74 4.71 -18.33
CA GLN B 66 -10.68 3.89 -17.61
C GLN B 66 -9.97 2.69 -17.01
N ARG B 67 -10.59 2.07 -16.01
CA ARG B 67 -9.96 0.97 -15.31
C ARG B 67 -10.05 -0.45 -15.86
N PHE B 68 -9.25 -0.71 -16.88
CA PHE B 68 -9.19 -2.04 -17.44
C PHE B 68 -7.91 -2.27 -18.24
N PHE B 69 -7.60 -3.55 -18.43
CA PHE B 69 -6.44 -3.94 -19.22
C PHE B 69 -6.61 -5.35 -19.74
N VAL B 70 -5.69 -5.75 -20.60
CA VAL B 70 -5.70 -7.11 -21.09
C VAL B 70 -4.30 -7.57 -20.79
N MET B 71 -4.13 -8.88 -20.62
CA MET B 71 -2.83 -9.45 -20.36
C MET B 71 -2.80 -10.89 -20.88
N ASP B 72 -1.61 -11.41 -21.12
CA ASP B 72 -1.50 -12.80 -21.54
C ASP B 72 -0.25 -13.27 -20.82
N VAL B 73 -0.43 -14.08 -19.79
CA VAL B 73 0.72 -14.55 -19.04
C VAL B 73 1.17 -15.92 -19.48
N GLY B 74 0.76 -16.31 -20.69
CA GLY B 74 1.15 -17.60 -21.23
C GLY B 74 0.00 -18.50 -21.61
N ASN B 75 -1.18 -18.22 -21.08
CA ASN B 75 -2.37 -19.04 -21.34
C ASN B 75 -3.40 -18.43 -22.27
N GLY B 76 -3.10 -17.28 -22.83
CA GLY B 76 -4.10 -16.65 -23.69
C GLY B 76 -4.50 -15.32 -23.08
N PRO B 77 -5.14 -14.44 -23.88
CA PRO B 77 -5.53 -13.13 -23.36
C PRO B 77 -6.60 -13.17 -22.28
N VAL B 78 -6.40 -12.34 -21.25
CA VAL B 78 -7.36 -12.22 -20.15
C VAL B 78 -7.77 -10.77 -20.10
N ALA B 79 -9.08 -10.52 -20.14
CA ALA B 79 -9.62 -9.18 -20.09
C ALA B 79 -9.93 -8.88 -18.62
N VAL B 80 -9.38 -7.79 -18.10
CA VAL B 80 -9.59 -7.46 -16.69
C VAL B 80 -10.27 -6.11 -16.58
N ILE B 81 -11.49 -6.12 -16.09
CA ILE B 81 -12.22 -4.87 -15.94
C ILE B 81 -12.49 -4.54 -14.47
N ASN B 82 -12.24 -3.28 -14.11
CA ASN B 82 -12.45 -2.80 -12.75
C ASN B 82 -11.75 -3.71 -11.74
N PRO B 83 -10.47 -3.98 -11.96
CA PRO B 83 -9.81 -4.84 -10.98
C PRO B 83 -9.65 -4.20 -9.61
N GLU B 84 -9.56 -5.05 -8.61
CA GLU B 84 -9.33 -4.68 -7.22
C GLU B 84 -8.34 -5.73 -6.72
N ILE B 85 -7.34 -5.31 -5.96
CA ILE B 85 -6.40 -6.27 -5.43
C ILE B 85 -6.87 -6.42 -3.99
N LEU B 86 -7.43 -7.59 -3.70
CA LEU B 86 -7.99 -7.85 -2.40
C LEU B 86 -6.96 -8.19 -1.35
N GLU B 87 -5.97 -9.00 -1.73
CA GLU B 87 -4.97 -9.42 -0.78
C GLU B 87 -3.60 -9.39 -1.40
N ILE B 88 -2.61 -9.12 -0.57
CA ILE B 88 -1.24 -9.03 -1.04
C ILE B 88 -0.34 -9.79 -0.10
N ASP B 89 0.38 -10.77 -0.64
CA ASP B 89 1.30 -11.56 0.15
C ASP B 89 2.55 -10.74 0.45
N PRO B 90 3.11 -10.84 1.67
CA PRO B 90 4.31 -10.06 1.96
C PRO B 90 5.59 -10.56 1.26
N GLU B 91 5.58 -11.80 0.79
CA GLU B 91 6.76 -12.34 0.10
C GLU B 91 6.89 -11.66 -1.26
N THR B 92 8.04 -11.11 -1.54
CA THR B 92 8.22 -10.43 -2.81
C THR B 92 9.34 -11.09 -3.60
N GLU B 93 9.50 -10.66 -4.84
CA GLU B 93 10.52 -11.19 -5.72
C GLU B 93 10.82 -10.03 -6.65
N VAL B 94 12.07 -9.92 -7.10
CA VAL B 94 12.45 -8.86 -8.01
C VAL B 94 12.69 -9.47 -9.38
N ALA B 95 12.28 -8.76 -10.44
CA ALA B 95 12.51 -9.19 -11.81
C ALA B 95 12.45 -7.96 -12.72
N GLU B 96 12.93 -8.15 -13.95
CA GLU B 96 12.94 -7.10 -14.96
C GLU B 96 11.59 -6.93 -15.63
N GLU B 97 11.21 -5.69 -15.85
CA GLU B 97 9.96 -5.40 -16.52
C GLU B 97 10.23 -4.30 -17.54
N GLY B 98 9.65 -4.47 -18.72
CA GLY B 98 9.76 -3.50 -19.78
C GLY B 98 8.36 -2.94 -19.89
N LEU B 100 5.60 -1.27 -23.12
CA LEU B 100 5.39 -0.78 -24.48
C LEU B 100 5.41 0.75 -24.55
N SER B 101 5.02 1.44 -23.48
CA SER B 101 5.00 2.91 -23.53
C SER B 101 6.39 3.52 -23.34
N PHE B 102 7.39 2.68 -23.12
CA PHE B 102 8.76 3.17 -22.95
C PHE B 102 9.67 2.07 -23.50
N PRO B 103 9.64 1.85 -24.81
CA PRO B 103 10.41 0.84 -25.54
C PRO B 103 11.87 0.67 -25.24
N GLU B 104 12.28 -0.60 -25.11
CA GLU B 104 13.67 -0.97 -24.86
C GLU B 104 14.24 -0.67 -23.47
N ILE B 105 13.42 -0.10 -22.60
CA ILE B 105 13.90 0.21 -21.25
C ILE B 105 13.35 -0.82 -20.27
N PHE B 106 14.26 -1.44 -19.52
CA PHE B 106 13.90 -2.46 -18.52
C PHE B 106 14.38 -2.07 -17.14
N VAL B 107 13.53 -2.30 -16.17
CA VAL B 107 13.83 -1.94 -14.79
C VAL B 107 13.51 -3.08 -13.85
N GLU B 108 14.39 -3.29 -12.89
CA GLU B 108 14.19 -4.35 -11.93
C GLU B 108 13.18 -3.83 -10.93
N ILE B 109 12.11 -4.60 -10.73
CA ILE B 109 11.04 -4.21 -9.84
C ILE B 109 10.65 -5.32 -8.85
N GLU B 110 10.46 -4.92 -7.60
CA GLU B 110 10.03 -5.87 -6.57
C GLU B 110 8.49 -5.94 -6.57
N ARG B 111 7.96 -7.15 -6.67
CA ARG B 111 6.52 -7.37 -6.69
C ARG B 111 6.15 -8.47 -5.72
N SER B 112 4.93 -8.39 -5.18
CA SER B 112 4.45 -9.41 -4.27
C SER B 112 4.35 -10.69 -5.11
N LYS B 113 4.64 -11.85 -4.52
CA LYS B 113 4.60 -13.11 -5.23
C LYS B 113 3.19 -13.64 -5.38
N ARG B 114 2.29 -13.25 -4.47
CA ARG B 114 0.94 -13.77 -4.52
C ARG B 114 -0.10 -12.76 -4.11
N ILE B 115 -1.16 -12.70 -4.89
CA ILE B 115 -2.22 -11.76 -4.63
C ILE B 115 -3.57 -12.36 -4.90
N LYS B 116 -4.60 -11.77 -4.32
CA LYS B 116 -5.96 -12.21 -4.54
C LYS B 116 -6.56 -11.00 -5.21
N VAL B 117 -7.18 -11.22 -6.36
CA VAL B 117 -7.73 -10.11 -7.10
C VAL B 117 -9.18 -10.34 -7.34
N LYS B 118 -9.86 -9.30 -7.80
CA LYS B 118 -11.27 -9.33 -8.10
C LYS B 118 -11.44 -8.41 -9.29
N TYR B 119 -12.20 -8.85 -10.28
CA TYR B 119 -12.42 -8.06 -11.48
C TYR B 119 -13.66 -8.58 -12.21
N GLN B 120 -14.02 -7.86 -13.26
CA GLN B 120 -15.18 -8.21 -14.05
C GLN B 120 -14.77 -8.57 -15.49
N ASN B 121 -15.58 -9.40 -16.16
CA ASN B 121 -15.30 -9.76 -17.53
C ASN B 121 -16.09 -8.72 -18.33
N THR B 122 -16.08 -8.82 -19.66
CA THR B 122 -16.81 -7.84 -20.45
C THR B 122 -18.33 -7.87 -20.28
N ARG B 123 -18.84 -8.92 -19.66
CA ARG B 123 -20.28 -9.04 -19.42
C ARG B 123 -20.61 -8.42 -18.07
N GLY B 124 -19.58 -8.00 -17.35
CA GLY B 124 -19.78 -7.37 -16.05
C GLY B 124 -19.89 -8.38 -14.92
N GLU B 125 -19.61 -9.64 -15.22
CA GLU B 125 -19.67 -10.69 -14.22
C GLU B 125 -18.37 -10.67 -13.42
N TYR B 126 -18.48 -10.88 -12.11
CA TYR B 126 -17.32 -10.87 -11.25
C TYR B 126 -16.54 -12.14 -11.25
N VAL B 127 -15.24 -11.98 -11.12
CA VAL B 127 -14.31 -13.08 -11.06
C VAL B 127 -13.37 -12.75 -9.90
N GLU B 128 -13.16 -13.73 -9.02
CA GLU B 128 -12.26 -13.55 -7.89
C GLU B 128 -11.27 -14.68 -7.96
N GLU B 129 -9.98 -14.38 -7.84
CA GLU B 129 -9.01 -15.46 -7.93
C GLU B 129 -7.64 -15.11 -7.39
N GLU B 130 -6.84 -16.15 -7.22
CA GLU B 130 -5.50 -16.00 -6.72
C GLU B 130 -4.51 -16.07 -7.89
N LEU B 131 -3.52 -15.19 -7.87
CA LEU B 131 -2.47 -15.14 -8.88
C LEU B 131 -1.11 -15.18 -8.22
N GLU B 132 -0.17 -15.84 -8.87
CA GLU B 132 1.17 -15.92 -8.29
C GLU B 132 2.27 -15.75 -9.32
N GLY B 133 3.49 -15.57 -8.81
CA GLY B 133 4.64 -15.42 -9.66
C GLY B 133 4.38 -14.48 -10.83
N TYR B 134 4.80 -14.92 -12.01
CA TYR B 134 4.66 -14.15 -13.24
C TYR B 134 3.28 -13.58 -13.49
N ALA B 135 2.23 -14.38 -13.32
CA ALA B 135 0.87 -13.88 -13.52
C ALA B 135 0.60 -12.73 -12.55
N ALA B 136 0.98 -12.90 -11.29
CA ALA B 136 0.77 -11.86 -10.28
C ALA B 136 1.52 -10.59 -10.68
N ARG B 137 2.75 -10.77 -11.17
CA ARG B 137 3.59 -9.64 -11.57
C ARG B 137 3.00 -8.83 -12.69
N VAL B 138 2.55 -9.51 -13.73
CA VAL B 138 1.98 -8.80 -14.84
C VAL B 138 0.68 -8.16 -14.43
N PHE B 139 -0.09 -8.81 -13.58
CA PHE B 139 -1.35 -8.21 -13.17
C PHE B 139 -1.06 -6.88 -12.44
N GLN B 140 -0.12 -6.91 -11.50
CA GLN B 140 0.27 -5.71 -10.73
C GLN B 140 0.84 -4.59 -11.62
N HIS B 141 1.63 -4.97 -12.62
CA HIS B 141 2.21 -4.01 -13.55
C HIS B 141 1.05 -3.29 -14.27
N GLU B 142 0.14 -4.07 -14.85
CA GLU B 142 -1.02 -3.49 -15.54
C GLU B 142 -1.91 -2.68 -14.59
N PHE B 143 -2.20 -3.25 -13.42
CA PHE B 143 -3.03 -2.59 -12.41
C PHE B 143 -2.40 -1.23 -12.10
N ASP B 144 -1.07 -1.20 -11.94
CA ASP B 144 -0.41 0.08 -11.66
C ASP B 144 -0.77 1.19 -12.67
N HIS B 145 -0.90 0.81 -13.93
CA HIS B 145 -1.21 1.75 -14.98
C HIS B 145 -2.48 2.52 -14.73
N LEU B 146 -3.47 1.84 -14.16
CA LEU B 146 -4.77 2.40 -13.88
C LEU B 146 -4.72 3.43 -12.76
N ASN B 147 -3.62 3.45 -12.02
CA ASN B 147 -3.49 4.40 -10.93
C ASN B 147 -2.45 5.43 -11.28
N GLY B 148 -1.97 5.38 -12.53
CA GLY B 148 -0.99 6.36 -12.99
C GLY B 148 0.42 6.07 -12.51
N VAL B 149 0.67 4.82 -12.15
CA VAL B 149 2.00 4.41 -11.68
C VAL B 149 2.72 3.68 -12.81
N LEU B 150 3.97 4.05 -13.07
CA LEU B 150 4.75 3.42 -14.13
C LEU B 150 5.95 2.68 -13.54
N ILE B 151 6.53 1.75 -14.31
CA ILE B 151 7.66 0.99 -13.78
C ILE B 151 8.81 1.85 -13.32
N ILE B 152 8.99 3.02 -13.91
CA ILE B 152 10.11 3.85 -13.48
C ILE B 152 9.92 4.40 -12.07
N ASP B 153 8.68 4.36 -11.58
CA ASP B 153 8.42 4.85 -10.23
C ASP B 153 8.76 3.76 -9.21
N ARG B 154 8.91 2.51 -9.67
CA ARG B 154 9.16 1.40 -8.75
C ARG B 154 10.48 0.69 -8.81
N ILE B 155 11.45 1.32 -9.45
CA ILE B 155 12.77 0.73 -9.58
C ILE B 155 13.28 0.30 -8.19
N SER B 156 13.75 -0.95 -8.06
CA SER B 156 14.23 -1.42 -6.76
C SER B 156 15.59 -0.79 -6.47
N PRO B 157 15.82 -0.37 -5.21
CA PRO B 157 17.11 0.25 -4.89
C PRO B 157 18.35 -0.62 -5.12
#